data_5MUC
#
_entry.id   5MUC
#
_cell.length_a   62.382
_cell.length_b   68.564
_cell.length_c   95.687
_cell.angle_alpha   90.00
_cell.angle_beta   90.00
_cell.angle_gamma   90.00
#
_symmetry.space_group_name_H-M   'P 21 21 21'
#
loop_
_entity.id
_entity.type
_entity.pdbx_description
1 polymer 'Protein FimH'
2 non-polymer 1-deoxy-alpha-D-mannopyranose
3 water water
#
_entity_poly.entity_id   1
_entity_poly.type   'polypeptide(L)'
_entity_poly.pdbx_seq_one_letter_code
;FACKTANGTAIPIGGGSANVYVNLAPVVNVGQNLVVDLSTQIFCHNDYPETITDYVTLQRGSAYGGVLSNFSGTVKYSGS
SYPFPTTSETPRVVYNSRTDKPWPVALYLTPVSSAGGVAIKAGSLIAVLILRQTNNYNSDDFQFVWNIYANNDVVVPT
;
_entity_poly.pdbx_strand_id   A,B
#
# COMPACT_ATOMS: atom_id res chain seq x y z
N PHE A 1 -13.90 20.87 3.62
CA PHE A 1 -12.70 20.11 3.16
C PHE A 1 -11.44 20.96 3.30
N ALA A 2 -10.46 20.42 4.02
CA ALA A 2 -9.15 21.05 4.13
C ALA A 2 -8.10 19.96 4.32
N CYS A 3 -6.84 20.35 4.17
CA CYS A 3 -5.73 19.41 4.26
C CYS A 3 -4.66 19.95 5.19
N LYS A 4 -3.87 19.03 5.74
CA LYS A 4 -2.78 19.38 6.63
C LYS A 4 -1.61 18.46 6.36
N THR A 5 -0.42 18.93 6.75
CA THR A 5 0.81 18.15 6.60
C THR A 5 1.14 17.41 7.90
N ALA A 6 2.08 16.47 7.79
CA ALA A 6 2.50 15.70 8.95
C ALA A 6 2.92 16.59 10.11
N ASN A 7 3.53 17.75 9.82
CA ASN A 7 3.97 18.67 10.85
C ASN A 7 2.90 19.66 11.29
N GLY A 8 1.74 19.68 10.63
CA GLY A 8 0.65 20.54 11.02
C GLY A 8 0.41 21.75 10.13
N THR A 9 1.16 21.90 9.05
CA THR A 9 0.88 22.97 8.10
C THR A 9 -0.44 22.67 7.39
N ALA A 10 -1.37 23.62 7.43
CA ALA A 10 -2.73 23.41 6.96
C ALA A 10 -3.03 24.27 5.75
N ILE A 11 -3.76 23.71 4.80
CA ILE A 11 -4.42 24.47 3.74
C ILE A 11 -5.92 24.44 4.04
N PRO A 12 -6.56 25.57 4.30
CA PRO A 12 -7.94 25.55 4.80
C PRO A 12 -8.95 25.38 3.66
N ILE A 13 -10.21 25.29 4.07
CA ILE A 13 -11.35 25.27 3.14
C ILE A 13 -11.11 26.28 2.03
N GLY A 14 -11.29 25.86 0.78
CA GLY A 14 -11.11 26.72 -0.36
C GLY A 14 -9.79 26.53 -1.09
N GLY A 15 -8.85 25.81 -0.50
CA GLY A 15 -7.60 25.54 -1.17
C GLY A 15 -6.52 26.52 -0.82
N GLY A 16 -5.44 26.45 -1.58
CA GLY A 16 -4.25 27.22 -1.33
C GLY A 16 -3.01 26.41 -1.60
N SER A 17 -1.90 26.74 -0.95
CA SER A 17 -0.65 26.02 -1.18
C SER A 17 0.08 25.83 0.15
N ALA A 18 1.02 24.89 0.14
CA ALA A 18 1.87 24.64 1.29
C ALA A 18 3.09 23.86 0.80
N ASN A 19 4.19 24.02 1.54
CA ASN A 19 5.43 23.33 1.20
C ASN A 19 5.52 22.04 1.99
N VAL A 20 6.01 20.99 1.33
CA VAL A 20 6.19 19.67 1.94
C VAL A 20 7.65 19.26 1.80
N TYR A 21 8.30 19.01 2.92
CA TYR A 21 9.72 18.67 2.98
C TYR A 21 9.87 17.19 3.30
N VAL A 22 10.49 16.44 2.39
CA VAL A 22 10.52 15.00 2.46
C VAL A 22 11.96 14.52 2.60
N ASN A 23 12.16 13.51 3.44
CA ASN A 23 13.45 12.83 3.52
C ASN A 23 13.54 11.82 2.38
N LEU A 24 14.67 11.80 1.71
CA LEU A 24 14.90 10.90 0.57
C LEU A 24 16.06 9.97 0.88
N ALA A 25 15.94 8.74 0.38
CA ALA A 25 17.03 7.78 0.52
C ALA A 25 18.32 8.38 -0.05
N PRO A 26 19.43 8.36 0.70
CA PRO A 26 20.62 9.11 0.25
C PRO A 26 21.33 8.49 -0.94
N VAL A 27 21.12 7.21 -1.23
CA VAL A 27 21.78 6.54 -2.35
C VAL A 27 20.75 5.68 -3.09
N VAL A 28 20.64 5.88 -4.39
CA VAL A 28 19.72 5.13 -5.24
C VAL A 28 20.46 4.65 -6.48
N ASN A 29 20.46 3.34 -6.69
CA ASN A 29 21.14 2.74 -7.84
C ASN A 29 20.25 2.82 -9.08
N VAL A 30 20.90 2.82 -10.24
CA VAL A 30 20.16 2.60 -11.49
C VAL A 30 19.47 1.25 -11.38
N GLY A 31 18.23 1.19 -11.81
CA GLY A 31 17.45 -0.03 -11.64
C GLY A 31 16.69 -0.12 -10.33
N GLN A 32 16.82 0.86 -9.43
CA GLN A 32 16.05 0.92 -8.20
C GLN A 32 15.09 2.10 -8.26
N ASN A 33 14.07 2.05 -7.40
CA ASN A 33 13.12 3.14 -7.26
C ASN A 33 13.45 3.97 -6.03
N LEU A 34 13.56 5.28 -6.23
CA LEU A 34 13.45 6.23 -5.14
C LEU A 34 11.97 6.51 -4.91
N VAL A 35 11.46 6.16 -3.75
CA VAL A 35 10.03 6.28 -3.46
C VAL A 35 9.82 7.49 -2.57
N VAL A 36 8.93 8.38 -2.99
CA VAL A 36 8.48 9.51 -2.19
C VAL A 36 7.03 9.26 -1.86
N ASP A 37 6.78 8.66 -0.69
CA ASP A 37 5.43 8.29 -0.25
C ASP A 37 4.84 9.48 0.50
N LEU A 38 3.98 10.22 -0.15
CA LEU A 38 3.39 11.41 0.45
C LEU A 38 2.15 11.12 1.29
N SER A 39 1.61 9.90 1.22
CA SER A 39 0.46 9.57 2.05
C SER A 39 0.80 9.64 3.54
N THR A 40 2.08 9.62 3.90
CA THR A 40 2.49 9.79 5.28
C THR A 40 2.68 11.25 5.66
N GLN A 41 2.49 12.18 4.73
CA GLN A 41 2.72 13.59 5.00
C GLN A 41 1.60 14.52 4.57
N ILE A 42 0.60 14.04 3.83
CA ILE A 42 -0.52 14.86 3.39
C ILE A 42 -1.80 14.16 3.80
N PHE A 43 -2.64 14.84 4.58
CA PHE A 43 -3.86 14.28 5.14
C PHE A 43 -4.99 15.27 4.93
N CYS A 44 -6.14 14.77 4.52
CA CYS A 44 -7.30 15.61 4.26
C CYS A 44 -8.54 14.98 4.89
N HIS A 45 -9.59 15.78 5.02
CA HIS A 45 -10.81 15.33 5.66
C HIS A 45 -12.00 16.08 5.08
N ASN A 46 -13.19 15.48 5.26
CA ASN A 46 -14.46 16.08 4.87
C ASN A 46 -15.07 16.78 6.06
N ASP A 47 -15.48 18.04 5.87
CA ASP A 47 -16.00 18.85 6.97
C ASP A 47 -17.50 18.71 7.17
N TYR A 48 -18.23 18.06 6.26
CA TYR A 48 -19.67 17.96 6.37
C TYR A 48 -20.12 16.60 5.86
N PRO A 49 -19.55 15.50 6.38
CA PRO A 49 -19.84 14.18 5.80
C PRO A 49 -21.29 13.76 5.95
N GLU A 50 -22.03 14.35 6.90
CA GLU A 50 -23.43 14.00 7.08
C GLU A 50 -24.27 14.30 5.84
N THR A 51 -23.81 15.23 5.01
CA THR A 51 -24.62 15.76 3.92
C THR A 51 -23.87 15.74 2.59
N ILE A 52 -22.55 15.87 2.63
CA ILE A 52 -21.73 16.09 1.45
C ILE A 52 -20.75 14.94 1.27
N THR A 53 -20.47 14.62 0.01
CA THR A 53 -19.37 13.75 -0.36
C THR A 53 -18.36 14.56 -1.16
N ASP A 54 -17.11 14.57 -0.70
CA ASP A 54 -16.03 15.27 -1.38
C ASP A 54 -15.30 14.35 -2.34
N TYR A 55 -14.87 14.89 -3.47
CA TYR A 55 -14.14 14.15 -4.48
C TYR A 55 -12.75 14.75 -4.63
N VAL A 56 -11.74 13.89 -4.67
CA VAL A 56 -10.34 14.31 -4.63
C VAL A 56 -9.61 13.62 -5.77
N THR A 57 -8.92 14.41 -6.59
CA THR A 57 -8.08 13.89 -7.65
C THR A 57 -6.69 14.48 -7.52
N LEU A 58 -5.73 13.79 -8.11
CA LEU A 58 -4.43 14.36 -8.42
C LEU A 58 -4.56 15.00 -9.80
N GLN A 59 -4.83 16.30 -9.83
CA GLN A 59 -5.10 16.96 -11.11
C GLN A 59 -3.84 17.01 -11.97
N ARG A 60 -2.73 17.41 -11.37
CA ARG A 60 -1.50 17.54 -12.11
C ARG A 60 -0.32 17.40 -11.16
N GLY A 61 0.70 16.68 -11.61
CA GLY A 61 1.95 16.57 -10.88
C GLY A 61 3.11 16.90 -11.80
N SER A 62 3.93 17.87 -11.40
CA SER A 62 5.04 18.33 -12.21
C SER A 62 6.36 18.05 -11.49
N ALA A 63 7.40 17.78 -12.29
CA ALA A 63 8.73 17.47 -11.79
C ALA A 63 9.64 18.68 -12.00
N TYR A 64 10.58 18.86 -11.08
CA TYR A 64 11.51 19.98 -11.14
C TYR A 64 12.91 19.52 -10.76
N GLY A 65 13.88 20.36 -11.07
CA GLY A 65 15.26 20.13 -10.66
C GLY A 65 15.74 18.75 -11.04
N GLY A 66 16.33 18.05 -10.07
CA GLY A 66 17.00 16.79 -10.36
C GLY A 66 16.05 15.68 -10.74
N VAL A 67 14.82 15.70 -10.23
CA VAL A 67 13.84 14.69 -10.59
C VAL A 67 13.50 14.82 -12.08
N LEU A 68 13.34 16.04 -12.55
CA LEU A 68 13.11 16.27 -13.98
C LEU A 68 14.29 15.84 -14.82
N SER A 69 15.52 16.09 -14.34
CA SER A 69 16.70 15.82 -15.16
C SER A 69 17.12 14.35 -15.09
N ASN A 70 17.07 13.75 -13.91
CA ASN A 70 17.80 12.53 -13.65
C ASN A 70 16.92 11.31 -13.40
N PHE A 71 15.59 11.45 -13.46
CA PHE A 71 14.71 10.37 -13.05
C PHE A 71 13.59 10.15 -14.06
N SER A 72 13.10 8.91 -14.08
CA SER A 72 11.93 8.51 -14.83
C SER A 72 10.82 8.22 -13.83
N GLY A 73 9.73 8.97 -13.91
CA GLY A 73 8.76 9.04 -12.83
C GLY A 73 7.46 8.30 -13.15
N THR A 74 6.97 7.58 -12.15
CA THR A 74 5.65 7.00 -12.14
C THR A 74 4.99 7.43 -10.84
N VAL A 75 3.72 7.80 -10.90
CA VAL A 75 2.96 8.16 -9.71
C VAL A 75 1.86 7.13 -9.51
N LYS A 76 1.74 6.66 -8.28
CA LYS A 76 0.72 5.68 -7.89
C LYS A 76 -0.33 6.44 -7.08
N TYR A 77 -1.55 6.49 -7.60
CA TYR A 77 -2.64 7.24 -6.96
C TYR A 77 -3.77 6.29 -6.62
N SER A 78 -3.97 6.05 -5.33
CA SER A 78 -5.02 5.16 -4.86
C SER A 78 -4.94 3.80 -5.55
N GLY A 79 -3.73 3.28 -5.69
CA GLY A 79 -3.52 1.93 -6.14
C GLY A 79 -3.22 1.78 -7.62
N SER A 80 -3.43 2.83 -8.42
CA SER A 80 -3.18 2.78 -9.85
C SER A 80 -1.97 3.64 -10.19
N SER A 81 -1.25 3.24 -11.23
CA SER A 81 -0.01 3.90 -11.60
C SER A 81 -0.21 4.70 -12.88
N TYR A 82 0.38 5.88 -12.92
CA TYR A 82 0.30 6.77 -14.08
C TYR A 82 1.66 7.43 -14.28
N PRO A 83 1.95 7.87 -15.50
CA PRO A 83 3.23 8.57 -15.73
C PRO A 83 3.38 9.78 -14.83
N PHE A 84 4.62 10.05 -14.42
CA PHE A 84 4.95 11.26 -13.69
C PHE A 84 6.19 11.89 -14.31
N PRO A 85 6.10 13.15 -14.78
CA PRO A 85 4.97 14.10 -14.81
C PRO A 85 3.69 13.57 -15.45
N THR A 86 2.57 14.10 -15.01
CA THR A 86 1.27 13.54 -15.37
C THR A 86 0.81 14.03 -16.73
N THR A 87 0.01 13.18 -17.38
CA THR A 87 -0.52 13.46 -18.71
C THR A 87 -2.04 13.52 -18.70
N SER A 88 -2.66 13.33 -17.53
CA SER A 88 -4.10 13.43 -17.37
C SER A 88 -4.39 13.54 -15.88
N GLU A 89 -5.57 14.10 -15.57
CA GLU A 89 -6.06 14.09 -14.21
C GLU A 89 -6.46 12.66 -13.82
N THR A 90 -6.24 12.32 -12.55
CA THR A 90 -6.56 10.99 -12.07
C THR A 90 -8.05 10.86 -11.80
N PRO A 91 -8.53 9.65 -11.55
CA PRO A 91 -9.90 9.50 -11.05
C PRO A 91 -10.04 10.05 -9.64
N ARG A 92 -11.28 10.29 -9.25
CA ARG A 92 -11.56 10.85 -7.94
C ARG A 92 -11.45 9.80 -6.86
N VAL A 93 -10.93 10.22 -5.71
CA VAL A 93 -10.99 9.46 -4.47
C VAL A 93 -12.06 10.10 -3.59
N VAL A 94 -12.91 9.26 -3.00
CA VAL A 94 -13.99 9.78 -2.17
C VAL A 94 -13.46 10.03 -0.77
N TYR A 95 -13.72 11.25 -0.26
CA TYR A 95 -13.50 11.59 1.13
C TYR A 95 -14.86 11.80 1.75
N ASN A 96 -15.27 10.88 2.63
CA ASN A 96 -16.60 10.89 3.20
C ASN A 96 -16.56 10.79 4.71
N SER A 97 -15.47 11.26 5.33
CA SER A 97 -15.33 11.18 6.78
C SER A 97 -14.61 12.41 7.29
N ARG A 98 -15.00 12.84 8.49
CA ARG A 98 -14.36 13.95 9.19
C ARG A 98 -13.02 13.55 9.79
N THR A 99 -12.72 12.25 9.85
CA THR A 99 -11.40 11.78 10.27
C THR A 99 -10.38 11.99 9.15
N ASP A 100 -9.19 12.43 9.53
CA ASP A 100 -8.11 12.60 8.56
C ASP A 100 -7.83 11.29 7.84
N LYS A 101 -7.74 11.37 6.51
CA LYS A 101 -7.38 10.23 5.70
C LYS A 101 -6.16 10.61 4.87
N PRO A 102 -5.12 9.76 4.80
CA PRO A 102 -3.98 10.09 3.95
C PRO A 102 -4.41 10.38 2.53
N TRP A 103 -3.75 11.36 1.92
CA TRP A 103 -3.86 11.54 0.49
C TRP A 103 -2.98 10.49 -0.17
N PRO A 104 -3.60 9.45 -0.91
CA PRO A 104 -2.83 8.29 -1.41
C PRO A 104 -1.95 8.60 -2.62
N VAL A 105 -0.95 9.44 -2.42
CA VAL A 105 0.00 9.82 -3.47
C VAL A 105 1.38 9.27 -3.10
N ALA A 106 1.96 8.51 -4.03
CA ALA A 106 3.35 8.07 -3.92
C ALA A 106 4.02 8.22 -5.27
N LEU A 107 5.24 8.77 -5.27
CA LEU A 107 6.06 8.88 -6.47
C LEU A 107 7.09 7.76 -6.51
N TYR A 108 7.27 7.16 -7.69
CA TYR A 108 8.30 6.15 -7.91
C TYR A 108 9.24 6.69 -8.98
N LEU A 109 10.47 6.97 -8.57
CA LEU A 109 11.45 7.64 -9.42
C LEU A 109 12.66 6.75 -9.56
N THR A 110 13.01 6.40 -10.80
CA THR A 110 14.15 5.56 -11.06
C THR A 110 15.17 6.30 -11.93
N PRO A 111 16.46 6.23 -11.63
CA PRO A 111 17.42 7.07 -12.34
C PRO A 111 17.50 6.71 -13.83
N VAL A 112 17.74 7.74 -14.65
CA VAL A 112 18.01 7.54 -16.07
C VAL A 112 19.47 7.16 -16.27
N SER A 113 19.75 6.59 -17.45
CA SER A 113 21.10 6.14 -17.76
C SER A 113 22.15 7.23 -17.53
N SER A 114 21.80 8.47 -17.86
CA SER A 114 22.75 9.58 -17.72
C SER A 114 22.95 10.03 -16.29
N ALA A 115 22.07 9.63 -15.36
CA ALA A 115 22.19 10.09 -13.99
C ALA A 115 23.43 9.50 -13.32
N GLY A 116 24.06 10.31 -12.47
CA GLY A 116 25.22 9.90 -11.70
C GLY A 116 25.71 11.06 -10.86
N GLY A 117 26.00 10.82 -9.58
CA GLY A 117 26.48 11.86 -8.71
C GLY A 117 25.35 12.47 -7.92
N VAL A 118 25.43 13.76 -7.62
CA VAL A 118 24.35 14.43 -6.89
C VAL A 118 23.19 14.62 -7.87
N ALA A 119 22.23 13.70 -7.83
CA ALA A 119 21.10 13.74 -8.75
C ALA A 119 19.94 14.57 -8.20
N ILE A 120 19.84 14.72 -6.89
CA ILE A 120 18.89 15.62 -6.25
C ILE A 120 19.67 16.42 -5.21
N LYS A 121 19.43 17.73 -5.17
CA LYS A 121 20.15 18.62 -4.27
C LYS A 121 19.28 18.96 -3.06
N ALA A 122 19.90 18.97 -1.88
CA ALA A 122 19.17 19.22 -0.65
C ALA A 122 18.52 20.60 -0.70
N GLY A 123 17.27 20.66 -0.27
CA GLY A 123 16.51 21.90 -0.26
C GLY A 123 15.90 22.29 -1.59
N SER A 124 16.10 21.51 -2.64
CA SER A 124 15.58 21.87 -3.95
C SER A 124 14.14 21.41 -4.10
N LEU A 125 13.40 22.15 -4.95
CA LEU A 125 12.06 21.76 -5.33
C LEU A 125 12.11 20.56 -6.27
N ILE A 126 11.51 19.45 -5.88
CA ILE A 126 11.50 18.25 -6.71
C ILE A 126 10.16 17.98 -7.37
N ALA A 127 9.06 18.49 -6.82
CA ALA A 127 7.75 18.25 -7.42
C ALA A 127 6.77 19.30 -6.96
N VAL A 128 5.72 19.48 -7.77
CA VAL A 128 4.53 20.20 -7.38
C VAL A 128 3.33 19.32 -7.71
N LEU A 129 2.49 19.08 -6.71
CA LEU A 129 1.32 18.23 -6.86
C LEU A 129 0.07 19.06 -6.60
N ILE A 130 -0.87 19.00 -7.53
CA ILE A 130 -2.10 19.77 -7.46
C ILE A 130 -3.22 18.81 -7.09
N LEU A 131 -3.74 18.95 -5.88
CA LEU A 131 -4.91 18.22 -5.43
C LEU A 131 -6.15 19.06 -5.76
N ARG A 132 -7.07 18.47 -6.52
CA ARG A 132 -8.31 19.14 -6.92
C ARG A 132 -9.48 18.54 -6.13
N GLN A 133 -10.20 19.38 -5.42
CA GLN A 133 -11.33 18.95 -4.60
C GLN A 133 -12.64 19.49 -5.16
N THR A 134 -13.62 18.59 -5.32
CA THR A 134 -14.99 18.97 -5.63
C THR A 134 -15.92 18.19 -4.71
N ASN A 135 -17.23 18.28 -4.93
CA ASN A 135 -18.20 17.60 -4.08
C ASN A 135 -19.47 17.35 -4.86
N ASN A 136 -20.46 16.76 -4.19
CA ASN A 136 -21.77 16.50 -4.77
C ASN A 136 -22.83 17.46 -4.23
N TYR A 137 -22.40 18.60 -3.70
CA TYR A 137 -23.28 19.54 -3.01
C TYR A 137 -23.39 20.88 -3.73
N ASN A 138 -22.29 21.42 -4.24
CA ASN A 138 -22.29 22.73 -4.88
C ASN A 138 -21.24 22.75 -5.98
N SER A 139 -20.88 23.95 -6.43
CA SER A 139 -19.93 24.15 -7.51
C SER A 139 -18.50 24.29 -7.02
N ASP A 140 -18.22 23.97 -5.76
CA ASP A 140 -16.87 24.12 -5.23
C ASP A 140 -15.87 23.33 -6.07
N ASP A 141 -14.80 24.02 -6.47
CA ASP A 141 -13.75 23.44 -7.31
C ASP A 141 -12.44 24.09 -6.89
N PHE A 142 -11.75 23.46 -5.95
CA PHE A 142 -10.63 24.06 -5.27
C PHE A 142 -9.34 23.31 -5.57
N GLN A 143 -8.24 24.05 -5.55
CA GLN A 143 -6.90 23.50 -5.77
C GLN A 143 -6.08 23.67 -4.50
N PHE A 144 -5.55 22.55 -4.01
CA PHE A 144 -4.58 22.53 -2.93
C PHE A 144 -3.23 22.20 -3.55
N VAL A 145 -2.32 23.16 -3.56
CA VAL A 145 -1.05 23.05 -4.26
C VAL A 145 0.03 22.62 -3.26
N TRP A 146 0.66 21.48 -3.51
CA TRP A 146 1.71 20.96 -2.65
C TRP A 146 3.06 21.10 -3.35
N ASN A 147 3.93 21.95 -2.80
CA ASN A 147 5.29 22.06 -3.25
C ASN A 147 6.16 21.10 -2.43
N ILE A 148 6.83 20.18 -3.11
CA ILE A 148 7.60 19.13 -2.46
C ILE A 148 9.07 19.49 -2.57
N TYR A 149 9.76 19.55 -1.44
CA TYR A 149 11.18 19.88 -1.40
C TYR A 149 11.96 18.72 -0.82
N ALA A 150 13.15 18.50 -1.37
CA ALA A 150 14.06 17.48 -0.84
C ALA A 150 14.76 18.01 0.40
N ASN A 151 14.74 17.21 1.46
CA ASN A 151 15.46 17.58 2.69
C ASN A 151 16.95 17.33 2.57
N ASN A 152 17.40 16.51 1.62
CA ASN A 152 18.78 16.06 1.59
C ASN A 152 19.19 15.76 0.16
N ASP A 153 20.51 15.65 -0.03
CA ASP A 153 21.05 15.19 -1.30
C ASP A 153 20.65 13.75 -1.56
N VAL A 154 20.54 13.42 -2.84
CA VAL A 154 20.43 12.03 -3.30
C VAL A 154 21.53 11.78 -4.30
N VAL A 155 22.33 10.74 -4.05
CA VAL A 155 23.48 10.41 -4.89
C VAL A 155 23.15 9.15 -5.68
N VAL A 156 23.39 9.20 -6.99
CA VAL A 156 23.26 8.03 -7.85
C VAL A 156 24.66 7.47 -8.09
N PRO A 157 24.99 6.28 -7.57
CA PRO A 157 26.35 5.76 -7.76
C PRO A 157 26.70 5.65 -9.24
N THR A 158 27.95 5.99 -9.55
CA THR A 158 28.44 5.98 -10.92
C THR A 158 29.39 4.80 -11.16
N PHE B 1 -17.94 -4.04 7.26
CA PHE B 1 -16.62 -4.60 6.87
C PHE B 1 -16.77 -6.03 6.35
N ALA B 2 -16.28 -6.26 5.13
CA ALA B 2 -16.25 -7.60 4.56
C ALA B 2 -15.07 -7.71 3.60
N CYS B 3 -14.74 -8.94 3.22
CA CYS B 3 -13.60 -9.23 2.37
C CYS B 3 -14.01 -10.16 1.25
N LYS B 4 -13.27 -10.10 0.14
CA LYS B 4 -13.51 -10.97 -1.00
C LYS B 4 -12.18 -11.32 -1.65
N THR B 5 -12.17 -12.41 -2.42
CA THR B 5 -10.99 -12.87 -3.10
C THR B 5 -10.95 -12.35 -4.54
N ALA B 6 -9.78 -12.51 -5.17
CA ALA B 6 -9.59 -12.09 -6.55
C ALA B 6 -10.65 -12.68 -7.48
N ASN B 7 -11.09 -13.92 -7.22
CA ASN B 7 -12.08 -14.55 -8.07
C ASN B 7 -13.52 -14.22 -7.66
N GLY B 8 -13.72 -13.50 -6.55
CA GLY B 8 -15.04 -13.10 -6.13
C GLY B 8 -15.61 -13.85 -4.95
N THR B 9 -14.87 -14.78 -4.35
CA THR B 9 -15.32 -15.43 -3.13
C THR B 9 -15.31 -14.45 -1.99
N ALA B 10 -16.45 -14.30 -1.31
CA ALA B 10 -16.64 -13.26 -0.31
C ALA B 10 -16.83 -13.86 1.08
N ILE B 11 -16.25 -13.22 2.07
CA ILE B 11 -16.58 -13.45 3.48
C ILE B 11 -17.35 -12.24 3.98
N PRO B 12 -18.60 -12.38 4.37
CA PRO B 12 -19.44 -11.20 4.64
C PRO B 12 -19.21 -10.62 6.02
N ILE B 13 -19.89 -9.52 6.29
CA ILE B 13 -19.90 -8.88 7.60
C ILE B 13 -20.01 -9.94 8.68
N GLY B 14 -19.13 -9.86 9.68
CA GLY B 14 -19.12 -10.80 10.78
C GLY B 14 -18.07 -11.88 10.66
N GLY B 15 -17.46 -12.04 9.49
CA GLY B 15 -16.38 -12.99 9.33
C GLY B 15 -16.85 -14.33 8.81
N GLY B 16 -15.91 -15.28 8.87
CA GLY B 16 -16.10 -16.59 8.30
C GLY B 16 -14.80 -17.06 7.69
N SER B 17 -14.88 -17.93 6.69
CA SER B 17 -13.68 -18.44 6.05
C SER B 17 -13.88 -18.54 4.55
N ALA B 18 -12.77 -18.69 3.84
CA ALA B 18 -12.77 -18.89 2.40
C ALA B 18 -11.43 -19.49 2.00
N ASN B 19 -11.44 -20.23 0.89
CA ASN B 19 -10.23 -20.86 0.39
C ASN B 19 -9.58 -19.97 -0.65
N VAL B 20 -8.25 -19.89 -0.59
CA VAL B 20 -7.46 -19.08 -1.52
C VAL B 20 -6.44 -20.00 -2.21
N TYR B 21 -6.52 -20.07 -3.53
CA TYR B 21 -5.68 -20.94 -4.34
C TYR B 21 -4.68 -20.07 -5.09
N VAL B 22 -3.40 -20.30 -4.82
CA VAL B 22 -2.34 -19.41 -5.28
C VAL B 22 -1.42 -20.17 -6.22
N ASN B 23 -0.99 -19.50 -7.29
CA ASN B 23 0.05 -20.05 -8.16
C ASN B 23 1.41 -19.77 -7.52
N LEU B 24 2.26 -20.80 -7.51
CA LEU B 24 3.59 -20.69 -6.93
C LEU B 24 4.64 -20.96 -8.00
N ALA B 25 5.76 -20.25 -7.87
CA ALA B 25 6.89 -20.47 -8.77
C ALA B 25 7.26 -21.96 -8.77
N PRO B 26 7.39 -22.59 -9.93
CA PRO B 26 7.57 -24.05 -9.95
C PRO B 26 8.93 -24.52 -9.46
N VAL B 27 9.94 -23.66 -9.44
CA VAL B 27 11.28 -24.03 -8.98
C VAL B 27 11.83 -22.92 -8.10
N VAL B 28 12.29 -23.29 -6.90
CA VAL B 28 12.85 -22.34 -5.95
C VAL B 28 14.15 -22.93 -5.41
N ASN B 29 15.25 -22.22 -5.62
CA ASN B 29 16.55 -22.68 -5.13
C ASN B 29 16.75 -22.32 -3.67
N VAL B 30 17.60 -23.10 -3.00
CA VAL B 30 18.11 -22.70 -1.69
C VAL B 30 18.78 -21.34 -1.82
N GLY B 31 18.50 -20.46 -0.86
CA GLY B 31 18.95 -19.09 -0.95
C GLY B 31 18.01 -18.14 -1.67
N GLN B 32 16.90 -18.65 -2.21
CA GLN B 32 15.89 -17.81 -2.83
C GLN B 32 14.62 -17.81 -1.99
N ASN B 33 13.79 -16.80 -2.21
CA ASN B 33 12.50 -16.69 -1.56
C ASN B 33 11.39 -17.14 -2.49
N LEU B 34 10.56 -18.06 -2.01
CA LEU B 34 9.25 -18.29 -2.61
C LEU B 34 8.30 -17.26 -2.03
N VAL B 35 7.76 -16.40 -2.87
CA VAL B 35 6.91 -15.30 -2.43
C VAL B 35 5.46 -15.65 -2.72
N VAL B 36 4.63 -15.60 -1.68
CA VAL B 36 3.19 -15.73 -1.81
C VAL B 36 2.59 -14.39 -1.39
N ASP B 37 2.33 -13.53 -2.38
CA ASP B 37 1.82 -12.20 -2.13
C ASP B 37 0.29 -12.25 -2.15
N LEU B 38 -0.33 -12.21 -0.98
CA LEU B 38 -1.79 -12.29 -0.90
C LEU B 38 -2.47 -10.95 -1.16
N SER B 39 -1.73 -9.86 -1.17
CA SER B 39 -2.34 -8.56 -1.44
C SER B 39 -2.97 -8.48 -2.82
N THR B 40 -2.58 -9.37 -3.73
CA THR B 40 -3.21 -9.41 -5.05
C THR B 40 -4.41 -10.35 -5.10
N GLN B 41 -4.74 -11.01 -3.99
CA GLN B 41 -5.85 -11.96 -3.97
C GLN B 41 -6.83 -11.76 -2.82
N ILE B 42 -6.53 -10.91 -1.84
CA ILE B 42 -7.41 -10.68 -0.70
C ILE B 42 -7.65 -9.18 -0.58
N PHE B 43 -8.90 -8.77 -0.61
CA PHE B 43 -9.30 -7.36 -0.61
C PHE B 43 -10.44 -7.17 0.39
N CYS B 44 -10.37 -6.07 1.15
CA CYS B 44 -11.39 -5.76 2.13
C CYS B 44 -11.79 -4.29 2.02
N HIS B 45 -12.93 -3.96 2.63
CA HIS B 45 -13.45 -2.61 2.58
C HIS B 45 -14.25 -2.31 3.84
N ASN B 46 -14.41 -1.02 4.11
CA ASN B 46 -15.21 -0.52 5.23
C ASN B 46 -16.60 -0.15 4.71
N ASP B 47 -17.63 -0.66 5.39
CA ASP B 47 -19.01 -0.48 4.93
C ASP B 47 -19.67 0.78 5.47
N TYR B 48 -19.06 1.48 6.42
CA TYR B 48 -19.66 2.67 7.03
C TYR B 48 -18.57 3.69 7.35
N PRO B 49 -17.76 4.07 6.34
CA PRO B 49 -16.62 4.95 6.62
C PRO B 49 -17.00 6.33 7.11
N GLU B 50 -18.23 6.78 6.85
CA GLU B 50 -18.64 8.11 7.32
C GLU B 50 -18.60 8.24 8.83
N THR B 51 -18.68 7.13 9.56
CA THR B 51 -18.88 7.14 11.00
C THR B 51 -17.89 6.24 11.72
N ILE B 52 -17.46 5.17 11.07
CA ILE B 52 -16.70 4.10 11.71
C ILE B 52 -15.32 4.01 11.08
N THR B 53 -14.33 3.67 11.90
CA THR B 53 -13.00 3.29 11.43
C THR B 53 -12.77 1.83 11.80
N ASP B 54 -12.46 1.02 10.80
CA ASP B 54 -12.18 -0.40 11.01
C ASP B 54 -10.68 -0.63 11.19
N TYR B 55 -10.33 -1.57 12.06
CA TYR B 55 -8.95 -1.93 12.34
C TYR B 55 -8.74 -3.38 11.95
N VAL B 56 -7.63 -3.65 11.25
CA VAL B 56 -7.36 -4.96 10.68
C VAL B 56 -5.96 -5.40 11.06
N THR B 57 -5.84 -6.60 11.62
CA THR B 57 -4.56 -7.19 11.94
C THR B 57 -4.45 -8.57 11.32
N LEU B 58 -3.22 -9.03 11.17
CA LEU B 58 -2.94 -10.45 10.97
C LEU B 58 -2.77 -11.06 12.35
N GLN B 59 -3.84 -11.65 12.86
CA GLN B 59 -3.81 -12.16 14.24
C GLN B 59 -2.88 -13.35 14.35
N ARG B 60 -2.97 -14.28 13.40
CA ARG B 60 -2.19 -15.51 13.45
C ARG B 60 -2.02 -16.01 12.03
N GLY B 61 -0.83 -16.51 11.73
CA GLY B 61 -0.56 -17.18 10.47
C GLY B 61 0.09 -18.52 10.73
N SER B 62 -0.50 -19.60 10.21
CA SER B 62 -0.01 -20.94 10.46
C SER B 62 0.47 -21.57 9.16
N ALA B 63 1.49 -22.43 9.28
CA ALA B 63 2.08 -23.13 8.16
C ALA B 63 1.65 -24.60 8.19
N TYR B 64 1.47 -25.18 7.01
CA TYR B 64 1.05 -26.57 6.90
C TYR B 64 1.81 -27.26 5.78
N GLY B 65 1.73 -28.59 5.79
CA GLY B 65 2.28 -29.38 4.70
C GLY B 65 3.73 -29.02 4.41
N GLY B 66 4.00 -28.77 3.13
CA GLY B 66 5.38 -28.58 2.69
C GLY B 66 6.00 -27.30 3.19
N VAL B 67 5.19 -26.25 3.39
CA VAL B 67 5.73 -24.99 3.91
C VAL B 67 6.21 -25.18 5.34
N LEU B 68 5.45 -25.92 6.14
CA LEU B 68 5.88 -26.25 7.50
C LEU B 68 7.14 -27.10 7.49
N SER B 69 7.24 -28.05 6.55
CA SER B 69 8.35 -28.99 6.58
C SER B 69 9.62 -28.43 5.94
N ASN B 70 9.49 -27.72 4.82
CA ASN B 70 10.61 -27.48 3.93
C ASN B 70 11.03 -26.01 3.83
N PHE B 71 10.39 -25.10 4.56
CA PHE B 71 10.64 -23.68 4.36
C PHE B 71 10.81 -22.95 5.69
N SER B 72 11.56 -21.85 5.63
CA SER B 72 11.71 -20.90 6.72
C SER B 72 10.98 -19.63 6.35
N GLY B 73 10.00 -19.24 7.14
CA GLY B 73 9.01 -18.26 6.73
C GLY B 73 9.17 -16.91 7.41
N THR B 74 8.99 -15.86 6.63
CA THR B 74 8.83 -14.50 7.09
C THR B 74 7.57 -13.95 6.43
N VAL B 75 6.76 -13.23 7.20
CA VAL B 75 5.57 -12.59 6.68
C VAL B 75 5.76 -11.08 6.78
N LYS B 76 5.45 -10.38 5.70
CA LYS B 76 5.52 -8.93 5.66
C LYS B 76 4.11 -8.38 5.72
N TYR B 77 3.79 -7.63 6.77
CA TYR B 77 2.45 -7.09 6.96
C TYR B 77 2.52 -5.57 7.02
N SER B 78 1.99 -4.92 5.98
CA SER B 78 1.96 -3.46 5.92
C SER B 78 3.37 -2.88 6.11
N GLY B 79 4.35 -3.51 5.47
CA GLY B 79 5.69 -2.96 5.40
C GLY B 79 6.66 -3.52 6.43
N SER B 80 6.17 -4.22 7.44
CA SER B 80 7.03 -4.78 8.49
C SER B 80 7.08 -6.30 8.38
N SER B 81 8.20 -6.87 8.78
CA SER B 81 8.46 -8.30 8.66
C SER B 81 8.39 -8.96 10.03
N TYR B 82 7.80 -10.14 10.07
CA TYR B 82 7.67 -10.90 11.30
C TYR B 82 7.86 -12.38 11.00
N PRO B 83 8.23 -13.19 11.99
CA PRO B 83 8.35 -14.63 11.76
C PRO B 83 7.05 -15.23 11.24
N PHE B 84 7.19 -16.22 10.37
CA PHE B 84 6.05 -17.03 9.92
C PHE B 84 6.41 -18.51 9.99
N PRO B 85 5.66 -19.32 10.76
CA PRO B 85 4.47 -19.07 11.59
C PRO B 85 4.63 -17.93 12.60
N THR B 86 3.52 -17.28 12.90
CA THR B 86 3.56 -16.05 13.68
C THR B 86 3.65 -16.34 15.18
N THR B 87 4.26 -15.40 15.88
CA THR B 87 4.45 -15.48 17.32
C THR B 87 3.75 -14.35 18.05
N SER B 88 3.07 -13.48 17.31
CA SER B 88 2.30 -12.39 17.90
C SER B 88 1.35 -11.85 16.84
N GLU B 89 0.28 -11.22 17.30
CA GLU B 89 -0.59 -10.45 16.42
C GLU B 89 0.11 -9.19 15.96
N THR B 90 -0.15 -8.80 14.71
CA THR B 90 0.48 -7.61 14.15
C THR B 90 -0.21 -6.35 14.65
N PRO B 91 0.36 -5.19 14.38
CA PRO B 91 -0.37 -3.94 14.63
C PRO B 91 -1.53 -3.80 13.66
N ARG B 92 -2.45 -2.90 14.01
CA ARG B 92 -3.65 -2.70 13.21
C ARG B 92 -3.35 -1.90 11.95
N VAL B 93 -4.03 -2.26 10.86
CA VAL B 93 -4.11 -1.45 9.65
C VAL B 93 -5.51 -0.85 9.61
N VAL B 94 -5.58 0.44 9.32
CA VAL B 94 -6.86 1.14 9.27
C VAL B 94 -7.49 0.95 7.90
N TYR B 95 -8.75 0.55 7.88
CA TYR B 95 -9.57 0.53 6.67
C TYR B 95 -10.64 1.62 6.83
N ASN B 96 -10.53 2.67 6.02
CA ASN B 96 -11.37 3.85 6.16
C ASN B 96 -12.01 4.23 4.82
N SER B 97 -12.22 3.26 3.95
CA SER B 97 -12.83 3.52 2.65
C SER B 97 -13.75 2.38 2.25
N ARG B 98 -14.82 2.73 1.56
CA ARG B 98 -15.73 1.76 0.98
C ARG B 98 -15.16 1.10 -0.27
N THR B 99 -14.08 1.64 -0.81
CA THR B 99 -13.37 1.01 -1.92
C THR B 99 -12.56 -0.18 -1.42
N ASP B 100 -12.57 -1.27 -2.19
CA ASP B 100 -11.77 -2.43 -1.85
C ASP B 100 -10.29 -2.06 -1.80
N LYS B 101 -9.63 -2.45 -0.72
CA LYS B 101 -8.21 -2.23 -0.53
C LYS B 101 -7.50 -3.56 -0.29
N PRO B 102 -6.36 -3.82 -0.94
CA PRO B 102 -5.64 -5.07 -0.68
C PRO B 102 -5.36 -5.30 0.80
N TRP B 103 -5.46 -6.57 1.21
CA TRP B 103 -4.94 -6.96 2.52
C TRP B 103 -3.43 -7.13 2.37
N PRO B 104 -2.59 -6.22 3.02
CA PRO B 104 -1.13 -6.19 2.74
C PRO B 104 -0.37 -7.32 3.43
N VAL B 105 -0.66 -8.57 3.02
CA VAL B 105 0.02 -9.75 3.53
C VAL B 105 0.82 -10.38 2.40
N ALA B 106 2.12 -10.59 2.64
CA ALA B 106 2.98 -11.36 1.75
C ALA B 106 3.80 -12.32 2.57
N LEU B 107 3.89 -13.56 2.11
CA LEU B 107 4.74 -14.57 2.74
C LEU B 107 6.04 -14.69 1.97
N TYR B 108 7.15 -14.78 2.71
CA TYR B 108 8.48 -14.99 2.13
C TYR B 108 9.02 -16.29 2.68
N LEU B 109 9.16 -17.29 1.81
CA LEU B 109 9.53 -18.64 2.20
C LEU B 109 10.82 -19.03 1.51
N THR B 110 11.82 -19.39 2.30
CA THR B 110 13.11 -19.80 1.76
C THR B 110 13.41 -21.23 2.18
N PRO B 111 13.87 -22.09 1.28
CA PRO B 111 14.02 -23.51 1.62
C PRO B 111 15.03 -23.74 2.73
N VAL B 112 14.74 -24.74 3.56
CA VAL B 112 15.69 -25.19 4.57
C VAL B 112 16.71 -26.13 3.94
N SER B 113 17.83 -26.34 4.66
CA SER B 113 18.89 -27.19 4.15
C SER B 113 18.38 -28.57 3.75
N SER B 114 17.43 -29.11 4.51
CA SER B 114 16.91 -30.45 4.24
C SER B 114 15.96 -30.49 3.05
N ALA B 115 15.49 -29.36 2.57
CA ALA B 115 14.55 -29.35 1.46
C ALA B 115 15.22 -29.82 0.18
N GLY B 116 14.46 -30.54 -0.63
CA GLY B 116 14.90 -30.98 -1.94
C GLY B 116 13.82 -31.81 -2.59
N GLY B 117 13.51 -31.54 -3.85
CA GLY B 117 12.50 -32.31 -4.55
C GLY B 117 11.16 -31.63 -4.48
N VAL B 118 10.07 -32.39 -4.43
CA VAL B 118 8.73 -31.82 -4.34
C VAL B 118 8.57 -31.31 -2.91
N ALA B 119 8.82 -30.02 -2.70
CA ALA B 119 8.75 -29.42 -1.38
C ALA B 119 7.37 -28.89 -1.05
N ILE B 120 6.56 -28.59 -2.05
CA ILE B 120 5.14 -28.25 -1.89
C ILE B 120 4.36 -29.08 -2.89
N LYS B 121 3.31 -29.75 -2.41
CA LYS B 121 2.47 -30.57 -3.27
C LYS B 121 1.32 -29.75 -3.84
N ALA B 122 1.01 -29.99 -5.10
CA ALA B 122 -0.09 -29.28 -5.76
C ALA B 122 -1.41 -29.61 -5.08
N GLY B 123 -2.22 -28.57 -4.86
CA GLY B 123 -3.50 -28.74 -4.20
C GLY B 123 -3.44 -28.84 -2.70
N SER B 124 -2.25 -28.76 -2.11
CA SER B 124 -2.10 -28.92 -0.66
C SER B 124 -2.34 -27.60 0.05
N LEU B 125 -2.79 -27.71 1.30
CA LEU B 125 -2.90 -26.57 2.19
C LEU B 125 -1.52 -26.14 2.65
N ILE B 126 -1.14 -24.90 2.34
CA ILE B 126 0.17 -24.38 2.75
C ILE B 126 0.08 -23.39 3.90
N ALA B 127 -1.07 -22.73 4.10
CA ALA B 127 -1.17 -21.77 5.19
C ALA B 127 -2.63 -21.53 5.54
N VAL B 128 -2.85 -21.09 6.79
CA VAL B 128 -4.11 -20.50 7.23
C VAL B 128 -3.78 -19.17 7.89
N LEU B 129 -4.40 -18.09 7.41
CA LEU B 129 -4.14 -16.76 7.92
C LEU B 129 -5.42 -16.19 8.52
N ILE B 130 -5.31 -15.67 9.73
CA ILE B 130 -6.45 -15.16 10.50
C ILE B 130 -6.40 -13.65 10.46
N LEU B 131 -7.36 -13.05 9.75
CA LEU B 131 -7.55 -11.61 9.75
C LEU B 131 -8.56 -11.27 10.85
N ARG B 132 -8.15 -10.41 11.78
CA ARG B 132 -8.99 -9.98 12.88
C ARG B 132 -9.43 -8.54 12.64
N GLN B 133 -10.74 -8.31 12.61
CA GLN B 133 -11.30 -6.99 12.36
C GLN B 133 -12.00 -6.47 13.60
N THR B 134 -11.66 -5.24 13.98
CA THR B 134 -12.38 -4.51 15.02
C THR B 134 -12.65 -3.10 14.52
N ASN B 135 -13.16 -2.23 15.37
CA ASN B 135 -13.51 -0.88 14.95
C ASN B 135 -13.46 0.04 16.15
N ASN B 136 -13.80 1.31 15.93
CA ASN B 136 -13.90 2.30 16.99
C ASN B 136 -15.35 2.66 17.31
N TYR B 137 -16.28 1.79 16.95
CA TYR B 137 -17.71 2.07 17.06
C TYR B 137 -18.43 1.16 18.06
N ASN B 138 -18.11 -0.13 18.07
CA ASN B 138 -18.78 -1.06 18.98
C ASN B 138 -17.79 -2.18 19.35
N SER B 139 -18.32 -3.28 19.88
CA SER B 139 -17.52 -4.40 20.35
C SER B 139 -17.25 -5.43 19.27
N ASP B 140 -17.52 -5.12 18.01
CA ASP B 140 -17.33 -6.09 16.95
C ASP B 140 -15.88 -6.59 16.93
N ASP B 141 -15.73 -7.90 16.90
CA ASP B 141 -14.41 -8.55 16.92
C ASP B 141 -14.57 -9.84 16.11
N PHE B 142 -14.28 -9.74 14.81
CA PHE B 142 -14.60 -10.79 13.87
C PHE B 142 -13.33 -11.37 13.27
N GLN B 143 -13.40 -12.65 12.91
CA GLN B 143 -12.28 -13.36 12.32
C GLN B 143 -12.64 -13.77 10.89
N PHE B 144 -11.79 -13.39 9.96
CA PHE B 144 -11.88 -13.83 8.58
C PHE B 144 -10.73 -14.82 8.37
N VAL B 145 -11.08 -16.09 8.18
CA VAL B 145 -10.09 -17.17 8.13
C VAL B 145 -9.81 -17.47 6.66
N TRP B 146 -8.54 -17.33 6.27
CA TRP B 146 -8.11 -17.57 4.90
C TRP B 146 -7.31 -18.85 4.85
N ASN B 147 -7.85 -19.87 4.16
CA ASN B 147 -7.13 -21.09 3.89
C ASN B 147 -6.42 -20.98 2.55
N ILE B 148 -5.10 -21.12 2.56
CA ILE B 148 -4.27 -20.91 1.37
C ILE B 148 -3.84 -22.27 0.83
N TYR B 149 -4.13 -22.52 -0.44
CA TYR B 149 -3.78 -23.76 -1.10
C TYR B 149 -2.84 -23.49 -2.27
N ALA B 150 -1.88 -24.38 -2.45
CA ALA B 150 -0.96 -24.31 -3.58
C ALA B 150 -1.64 -24.89 -4.83
N ASN B 151 -1.57 -24.14 -5.93
CA ASN B 151 -2.12 -24.63 -7.18
C ASN B 151 -1.23 -25.66 -7.87
N ASN B 152 0.04 -25.74 -7.51
CA ASN B 152 0.98 -26.55 -8.27
C ASN B 152 2.11 -27.03 -7.37
N ASP B 153 2.85 -28.02 -7.87
CA ASP B 153 4.06 -28.48 -7.21
C ASP B 153 5.08 -27.35 -7.17
N VAL B 154 5.91 -27.36 -6.14
CA VAL B 154 7.09 -26.51 -6.07
C VAL B 154 8.28 -27.41 -5.83
N VAL B 155 9.29 -27.31 -6.69
CA VAL B 155 10.45 -28.18 -6.67
C VAL B 155 11.65 -27.38 -6.18
N VAL B 156 12.36 -27.92 -5.18
CA VAL B 156 13.60 -27.34 -4.69
C VAL B 156 14.75 -28.11 -5.33
N PRO B 157 15.52 -27.51 -6.24
CA PRO B 157 16.60 -28.26 -6.89
C PRO B 157 17.58 -28.82 -5.89
N THR B 158 18.05 -30.03 -6.17
CA THR B 158 18.97 -30.73 -5.27
C THR B 158 20.39 -30.71 -5.84
#